data_6C52
#
_entry.id   6C52
#
_cell.length_a   47.450
_cell.length_b   75.570
_cell.length_c   27.990
_cell.angle_alpha   90.00
_cell.angle_beta   90.00
_cell.angle_gamma   90.00
#
_symmetry.space_group_name_H-M   'P 21 21 2'
#
loop_
_entity.id
_entity.type
_entity.pdbx_description
1 polymer 'Cross-alpha Amyloid-like Structure alphaTet'
2 non-polymer GLYCEROL
3 water water
#
_entity_poly.entity_id   1
_entity_poly.type   'polypeptide(L)'
_entity_poly.pdbx_seq_one_letter_code
;(ACE)SKLEELRRKLQEAEHKARELQEKWG(NH2)
;
_entity_poly.pdbx_strand_id   A,B,C,D
#
# COMPACT_ATOMS: atom_id res chain seq x y z
N SER A 2 -8.16 15.46 3.19
CA SER A 2 -7.84 14.91 1.88
C SER A 2 -6.42 14.38 1.72
N LYS A 3 -5.51 14.60 2.67
CA LYS A 3 -4.28 13.82 2.66
C LYS A 3 -4.61 12.35 2.83
N LEU A 4 -5.43 12.05 3.84
CA LEU A 4 -5.83 10.67 4.08
C LEU A 4 -6.66 10.14 2.92
N GLU A 5 -7.47 11.00 2.30
CA GLU A 5 -8.23 10.53 1.14
C GLU A 5 -7.31 10.20 -0.03
N GLU A 6 -6.31 11.04 -0.29
CA GLU A 6 -5.33 10.75 -1.33
C GLU A 6 -4.56 9.46 -1.03
N LEU A 7 -4.14 9.28 0.23
CA LEU A 7 -3.49 8.04 0.63
C LEU A 7 -4.36 6.85 0.28
N ARG A 8 -5.64 6.90 0.65
CA ARG A 8 -6.48 5.75 0.40
C ARG A 8 -6.68 5.53 -1.09
N ARG A 9 -6.71 6.60 -1.89
CA ARG A 9 -6.89 6.42 -3.33
C ARG A 9 -5.69 5.71 -3.95
N LYS A 10 -4.47 6.13 -3.57
CA LYS A 10 -3.26 5.49 -4.05
C LYS A 10 -3.19 4.04 -3.63
N LEU A 11 -3.58 3.76 -2.39
CA LEU A 11 -3.58 2.40 -1.88
C LEU A 11 -4.57 1.52 -2.65
N GLN A 12 -5.76 2.06 -2.95
CA GLN A 12 -6.74 1.33 -3.76
C GLN A 12 -6.17 1.02 -5.14
N GLU A 13 -5.48 2.00 -5.74
CA GLU A 13 -4.85 1.79 -7.04
C GLU A 13 -3.79 0.68 -6.98
N ALA A 14 -3.03 0.63 -5.88
CA ALA A 14 -2.07 -0.44 -5.73
C ALA A 14 -2.75 -1.79 -5.58
N GLU A 15 -3.83 -1.84 -4.79
CA GLU A 15 -4.53 -3.10 -4.62
C GLU A 15 -5.13 -3.59 -5.93
N HIS A 16 -5.61 -2.65 -6.77
CA HIS A 16 -6.15 -3.01 -8.08
C HIS A 16 -5.07 -3.60 -8.98
N LYS A 17 -3.85 -3.06 -8.90
CA LYS A 17 -2.75 -3.66 -9.66
C LYS A 17 -2.43 -5.06 -9.15
N ALA A 18 -2.55 -5.28 -7.84
CA ALA A 18 -2.33 -6.63 -7.33
C ALA A 18 -3.39 -7.60 -7.85
N ARG A 19 -4.64 -7.15 -7.92
CA ARG A 19 -5.67 -8.01 -8.50
C ARG A 19 -5.46 -8.25 -9.99
N GLU A 20 -4.92 -7.27 -10.72
CA GLU A 20 -4.59 -7.51 -12.12
C GLU A 20 -3.48 -8.55 -12.28
N LEU A 21 -2.51 -8.54 -11.36
CA LEU A 21 -1.47 -9.57 -11.40
C LEU A 21 -2.06 -10.95 -11.13
N GLN A 22 -3.03 -11.03 -10.19
CA GLN A 22 -3.68 -12.31 -9.90
C GLN A 22 -4.50 -12.82 -11.09
N GLU A 23 -5.06 -11.90 -11.88
CA GLU A 23 -5.80 -12.29 -13.09
CA GLU A 23 -5.80 -12.29 -13.09
C GLU A 23 -4.91 -13.07 -14.04
N LYS A 24 -3.61 -12.75 -14.08
CA LYS A 24 -2.65 -13.42 -14.94
C LYS A 24 -2.00 -14.62 -14.27
N TRP A 25 -1.50 -14.45 -13.04
CA TRP A 25 -0.64 -15.45 -12.41
C TRP A 25 -1.34 -16.29 -11.36
N GLY A 26 -2.58 -15.96 -11.04
CA GLY A 26 -3.34 -16.69 -10.05
C GLY A 26 -3.22 -16.06 -8.67
N SER B 2 5.82 -4.69 -15.63
CA SER B 2 5.18 -3.38 -15.67
C SER B 2 4.11 -3.20 -14.59
N LYS B 3 3.25 -4.19 -14.40
N LYS B 3 3.23 -4.18 -14.42
CA LYS B 3 2.15 -4.01 -13.45
CA LYS B 3 2.17 -4.03 -13.45
C LYS B 3 2.65 -4.05 -12.01
C LYS B 3 2.72 -3.98 -12.03
N LEU B 4 3.69 -4.84 -11.72
CA LEU B 4 4.28 -4.79 -10.39
C LEU B 4 5.03 -3.48 -10.16
N GLU B 5 5.69 -2.96 -11.19
CA GLU B 5 6.33 -1.65 -11.06
CA GLU B 5 6.33 -1.65 -11.06
C GLU B 5 5.29 -0.57 -10.74
N GLU B 6 4.16 -0.59 -11.45
CA GLU B 6 3.11 0.39 -11.17
CA GLU B 6 3.09 0.38 -11.18
C GLU B 6 2.55 0.23 -9.75
N LEU B 7 2.36 -1.02 -9.31
CA LEU B 7 1.91 -1.26 -7.94
C LEU B 7 2.87 -0.62 -6.94
N ARG B 8 4.17 -0.88 -7.10
CA ARG B 8 5.16 -0.33 -6.18
C ARG B 8 5.19 1.19 -6.20
N ARG B 9 4.98 1.81 -7.36
CA ARG B 9 4.94 3.28 -7.44
CA ARG B 9 4.94 3.27 -7.43
C ARG B 9 3.73 3.83 -6.69
N LYS B 10 2.55 3.23 -6.91
CA LYS B 10 1.36 3.70 -6.20
C LYS B 10 1.55 3.54 -4.71
N LEU B 11 2.13 2.42 -4.30
CA LEU B 11 2.32 2.16 -2.89
C LEU B 11 3.33 3.12 -2.27
N GLN B 12 4.37 3.48 -3.02
CA GLN B 12 5.32 4.47 -2.51
C GLN B 12 4.66 5.83 -2.37
N GLU B 13 3.81 6.20 -3.34
CA GLU B 13 3.09 7.46 -3.23
C GLU B 13 2.16 7.46 -2.01
N ALA B 14 1.52 6.33 -1.72
CA ALA B 14 0.71 6.23 -0.51
C ALA B 14 1.56 6.39 0.74
N GLU B 15 2.72 5.74 0.78
CA GLU B 15 3.58 5.86 1.95
C GLU B 15 4.05 7.31 2.13
N HIS B 16 4.32 8.01 1.03
CA HIS B 16 4.68 9.42 1.14
C HIS B 16 3.56 10.24 1.75
N LYS B 17 2.31 9.96 1.36
CA LYS B 17 1.18 10.67 1.98
C LYS B 17 1.06 10.32 3.45
N ALA B 18 1.35 9.07 3.82
CA ALA B 18 1.38 8.71 5.25
C ALA B 18 2.46 9.48 6.00
N ARG B 19 3.64 9.64 5.38
CA ARG B 19 4.70 10.44 5.98
C ARG B 19 4.23 11.89 6.19
N GLU B 20 3.56 12.45 5.20
CA GLU B 20 3.06 13.83 5.32
C GLU B 20 1.97 13.95 6.39
N LEU B 21 1.04 12.98 6.46
CA LEU B 21 0.06 12.95 7.53
C LEU B 21 0.72 12.95 8.89
N GLN B 22 1.78 12.15 9.05
CA GLN B 22 2.47 12.05 10.31
C GLN B 22 3.23 13.32 10.64
N GLU B 23 3.82 13.97 9.64
CA GLU B 23 4.49 15.23 9.92
CA GLU B 23 4.48 15.26 9.89
C GLU B 23 3.52 16.26 10.51
N LYS B 24 2.30 16.31 9.98
CA LYS B 24 1.34 17.31 10.43
C LYS B 24 0.68 16.93 11.75
N TRP B 25 0.33 15.64 11.93
CA TRP B 25 -0.55 15.23 13.03
C TRP B 25 0.13 14.37 14.08
N GLY B 26 1.36 13.92 13.85
CA GLY B 26 2.10 13.15 14.83
C GLY B 26 2.69 14.05 15.90
N SER C 2 0.20 7.51 17.62
CA SER C 2 0.71 6.14 17.41
C SER C 2 0.01 5.41 16.26
N LYS C 3 -1.29 5.67 16.03
CA LYS C 3 -1.99 5.01 14.93
C LYS C 3 -1.49 5.50 13.57
N LEU C 4 -0.97 6.72 13.51
CA LEU C 4 -0.39 7.21 12.26
C LEU C 4 0.92 6.48 11.96
N GLU C 5 1.73 6.24 12.99
CA GLU C 5 2.94 5.46 12.78
C GLU C 5 2.61 4.03 12.38
N GLU C 6 1.56 3.45 12.98
CA GLU C 6 1.19 2.07 12.65
C GLU C 6 0.72 1.95 11.21
N LEU C 7 -0.04 2.97 10.71
CA LEU C 7 -0.47 2.98 9.32
C LEU C 7 0.72 3.10 8.39
N ARG C 8 1.62 4.06 8.66
CA ARG C 8 2.81 4.21 7.84
C ARG C 8 3.63 2.92 7.82
N ARG C 9 3.82 2.30 8.98
N ARG C 9 3.83 2.32 8.99
CA ARG C 9 4.65 1.09 9.02
CA ARG C 9 4.59 1.08 9.08
C ARG C 9 4.00 -0.08 8.28
C ARG C 9 3.98 0.00 8.21
N LYS C 10 2.65 -0.14 8.24
CA LYS C 10 1.99 -1.18 7.44
C LYS C 10 2.23 -0.96 5.96
N LEU C 11 2.21 0.30 5.52
CA LEU C 11 2.50 0.57 4.11
C LEU C 11 3.94 0.22 3.80
N GLN C 12 4.85 0.49 4.75
CA GLN C 12 6.25 0.11 4.56
C GLN C 12 6.41 -1.40 4.51
N GLU C 13 5.67 -2.15 5.34
CA GLU C 13 5.71 -3.61 5.27
CA GLU C 13 5.76 -3.61 5.25
C GLU C 13 5.29 -4.09 3.89
N ALA C 14 4.22 -3.50 3.34
CA ALA C 14 3.76 -3.87 2.02
C ALA C 14 4.80 -3.54 0.97
N GLU C 15 5.47 -2.39 1.11
CA GLU C 15 6.57 -2.08 0.20
C GLU C 15 7.65 -3.15 0.24
N HIS C 16 8.00 -3.62 1.44
CA HIS C 16 8.98 -4.72 1.57
C HIS C 16 8.52 -5.96 0.81
N LYS C 17 7.27 -6.37 1.00
CA LYS C 17 6.79 -7.55 0.29
C LYS C 17 6.82 -7.34 -1.22
N ALA C 18 6.43 -6.15 -1.70
CA ALA C 18 6.40 -5.93 -3.14
C ALA C 18 7.81 -5.90 -3.73
N ARG C 19 8.76 -5.34 -2.99
CA ARG C 19 10.15 -5.37 -3.45
CA ARG C 19 10.15 -5.38 -3.44
C ARG C 19 10.64 -6.81 -3.53
N GLU C 20 10.35 -7.62 -2.52
CA GLU C 20 10.84 -9.00 -2.50
C GLU C 20 10.25 -9.78 -3.66
N LEU C 21 8.96 -9.57 -3.93
CA LEU C 21 8.32 -10.23 -5.07
C LEU C 21 9.01 -9.85 -6.37
N GLN C 22 9.30 -8.56 -6.54
CA GLN C 22 9.96 -8.11 -7.76
C GLN C 22 11.39 -8.64 -7.87
N GLU C 23 12.09 -8.82 -6.74
CA GLU C 23 13.41 -9.44 -6.76
C GLU C 23 13.34 -10.87 -7.29
N LYS C 24 12.32 -11.62 -6.88
CA LYS C 24 12.15 -12.97 -7.40
C LYS C 24 11.77 -12.95 -8.88
N TRP C 25 11.01 -11.93 -9.31
CA TRP C 25 10.62 -11.81 -10.71
C TRP C 25 11.76 -11.33 -11.59
N GLY C 26 12.79 -10.70 -11.03
CA GLY C 26 13.89 -10.16 -11.79
C GLY C 26 14.99 -11.16 -12.09
N SER D 2 0.52 -17.71 -3.41
CA SER D 2 0.56 -17.28 -2.00
C SER D 2 1.24 -15.94 -1.77
N LYS D 3 2.36 -15.69 -2.44
CA LYS D 3 3.09 -14.45 -2.18
C LYS D 3 2.33 -13.25 -2.71
N LEU D 4 1.70 -13.38 -3.88
CA LEU D 4 0.86 -12.30 -4.39
C LEU D 4 -0.38 -12.11 -3.52
N GLU D 5 -0.98 -13.20 -3.04
CA GLU D 5 -2.12 -13.09 -2.13
C GLU D 5 -1.71 -12.40 -0.82
N GLU D 6 -0.51 -12.72 -0.31
CA GLU D 6 -0.01 -12.05 0.89
C GLU D 6 0.14 -10.55 0.66
N LEU D 7 0.75 -10.18 -0.46
CA LEU D 7 0.90 -8.76 -0.78
C LEU D 7 -0.46 -8.08 -0.86
N ARG D 8 -1.41 -8.69 -1.59
CA ARG D 8 -2.73 -8.08 -1.68
C ARG D 8 -3.35 -7.94 -0.31
N ARG D 9 -3.12 -8.93 0.57
CA ARG D 9 -3.66 -8.87 1.93
CA ARG D 9 -3.66 -8.88 1.93
C ARG D 9 -3.06 -7.72 2.73
N LYS D 10 -1.74 -7.49 2.61
CA LYS D 10 -1.12 -6.38 3.33
C LYS D 10 -1.70 -5.06 2.88
N LEU D 11 -1.98 -4.94 1.58
CA LEU D 11 -2.60 -3.73 1.08
C LEU D 11 -4.01 -3.56 1.65
N GLN D 12 -4.74 -4.68 1.78
CA GLN D 12 -6.09 -4.61 2.34
C GLN D 12 -6.04 -4.25 3.83
N GLU D 13 -5.04 -4.77 4.54
CA GLU D 13 -4.85 -4.43 5.96
C GLU D 13 -4.54 -2.95 6.13
N ALA D 14 -3.73 -2.38 5.24
CA ALA D 14 -3.44 -0.94 5.32
C ALA D 14 -4.68 -0.12 5.03
N GLU D 15 -5.50 -0.56 4.08
CA GLU D 15 -6.77 0.14 3.85
C GLU D 15 -7.68 0.03 5.07
N HIS D 16 -7.67 -1.09 5.77
CA HIS D 16 -8.50 -1.19 6.97
C HIS D 16 -8.06 -0.17 8.01
N LYS D 17 -6.74 -0.01 8.19
CA LYS D 17 -6.24 0.98 9.14
C LYS D 17 -6.56 2.40 8.69
N ALA D 18 -6.46 2.68 7.38
CA ALA D 18 -6.71 4.03 6.91
C ALA D 18 -8.18 4.38 7.03
N ARG D 19 -9.07 3.42 6.75
CA ARG D 19 -10.50 3.65 6.93
C ARG D 19 -10.84 3.88 8.40
N GLU D 20 -10.25 3.09 9.30
CA GLU D 20 -10.46 3.29 10.74
C GLU D 20 -10.02 4.69 11.16
N LEU D 21 -8.86 5.11 10.69
CA LEU D 21 -8.39 6.46 10.98
C LEU D 21 -9.38 7.50 10.47
N GLN D 22 -9.85 7.32 9.24
CA GLN D 22 -10.78 8.28 8.64
C GLN D 22 -12.08 8.34 9.44
N GLU D 23 -12.53 7.19 9.95
CA GLU D 23 -13.77 7.16 10.75
C GLU D 23 -13.58 7.88 12.08
N LYS D 24 -12.42 7.71 12.71
CA LYS D 24 -12.15 8.43 13.95
C LYS D 24 -12.04 9.92 13.71
N TRP D 25 -11.45 10.30 12.58
CA TRP D 25 -11.29 11.70 12.23
C TRP D 25 -12.56 12.36 11.71
N GLY D 26 -13.61 11.58 11.46
CA GLY D 26 -14.86 12.15 11.01
C GLY D 26 -15.53 12.97 12.09
#